data_3TNG
#
_entry.id   3TNG
#
_cell.length_a   66.488
_cell.length_b   66.488
_cell.length_c   125.133
_cell.angle_alpha   90.00
_cell.angle_beta   90.00
_cell.angle_gamma   90.00
#
_symmetry.space_group_name_H-M   'P 41 21 2'
#
loop_
_entity.id
_entity.type
_entity.pdbx_description
1 polymer 'Lmo1369 protein'
2 non-polymer 'NICKEL (II) ION'
3 non-polymer DI(HYDROXYETHYL)ETHER
4 water water
#
_entity_poly.entity_id   1
_entity_poly.type   'polypeptide(L)'
_entity_poly.pdbx_seq_one_letter_code
;SNA(MSE)TKSRFFSDVAETSSFVFAVAGADDEVVLETIRLALKQKLGKFLLFGKKEDKTLTANESVTWIQTDTAEAAAQ
GAILAVKNKEADILVKGFIPTATL(MSE)HHVLKKENGLRTDQLLSQIAIFDIPTYHKPLLITDCA(MSE)NVAPKTKEK
IAITENALAVAHQIGITNPKIALLSAVEEVTAK(MSE)PSTLEAQEVVQHFGNQISVSGPLALDVAISKEAALHKGITDS
SAGEADILIAPNIETGNALYKSLVYFAGAKVGSAVVGAKVPIVISSRNDSPENKLASFILTVRLVEK
;
_entity_poly.pdbx_strand_id   A
#
loop_
_chem_comp.id
_chem_comp.type
_chem_comp.name
_chem_comp.formula
NI non-polymer 'NICKEL (II) ION' 'Ni 2'
PEG non-polymer DI(HYDROXYETHYL)ETHER 'C4 H10 O3'
#
# COMPACT_ATOMS: atom_id res chain seq x y z
N THR A 5 10.50 5.65 -23.61
CA THR A 5 10.93 5.08 -22.33
C THR A 5 10.11 5.63 -21.17
N LYS A 6 9.79 4.76 -20.23
CA LYS A 6 9.00 5.16 -19.08
C LYS A 6 9.82 5.14 -17.80
N SER A 7 9.25 5.75 -16.76
CA SER A 7 9.79 5.71 -15.42
C SER A 7 9.20 4.48 -14.69
N ARG A 8 10.05 3.69 -14.07
CA ARG A 8 9.59 2.51 -13.33
C ARG A 8 10.00 2.57 -11.87
N PHE A 9 9.04 2.32 -10.97
CA PHE A 9 9.33 2.29 -9.54
C PHE A 9 10.08 1.01 -9.18
N PHE A 10 9.68 -0.11 -9.78
CA PHE A 10 10.38 -1.37 -9.57
C PHE A 10 11.39 -1.67 -10.69
N SER A 11 12.66 -1.43 -10.42
CA SER A 11 13.70 -1.63 -11.44
C SER A 11 14.25 -3.05 -11.44
N ASP A 12 15.15 -3.31 -12.38
CA ASP A 12 15.81 -4.60 -12.47
C ASP A 12 17.00 -4.64 -11.50
N VAL A 13 17.27 -3.51 -10.89
CA VAL A 13 18.29 -3.42 -9.86
C VAL A 13 17.67 -3.69 -8.50
N ALA A 14 18.02 -4.82 -7.90
CA ALA A 14 17.42 -5.23 -6.64
C ALA A 14 17.76 -4.31 -5.46
N GLU A 15 16.76 -3.63 -4.91
CA GLU A 15 17.00 -2.97 -3.62
C GLU A 15 17.50 -4.07 -2.68
N THR A 16 18.59 -3.79 -2.02
CA THR A 16 19.06 -4.65 -0.96
C THR A 16 18.69 -3.92 0.32
N SER A 17 18.88 -4.56 1.46
CA SER A 17 18.58 -3.91 2.73
C SER A 17 18.82 -4.80 3.93
N SER A 18 19.05 -4.17 5.07
CA SER A 18 19.26 -4.90 6.32
C SER A 18 18.07 -4.76 7.26
N PHE A 19 16.96 -4.22 6.78
CA PHE A 19 15.79 -4.02 7.64
C PHE A 19 15.19 -5.37 8.01
N VAL A 20 14.46 -5.39 9.10
CA VAL A 20 13.96 -6.64 9.67
C VAL A 20 12.45 -6.72 9.47
N PHE A 21 11.99 -7.77 8.79
CA PHE A 21 10.57 -8.07 8.65
C PHE A 21 10.06 -8.98 9.77
N ALA A 22 9.08 -8.52 10.54
CA ALA A 22 8.45 -9.40 11.51
C ALA A 22 7.20 -10.05 10.90
N VAL A 23 7.20 -11.38 10.81
CA VAL A 23 6.14 -12.08 10.09
C VAL A 23 5.22 -12.74 11.07
N ALA A 24 3.97 -12.29 11.07
CA ALA A 24 3.01 -12.76 12.05
C ALA A 24 2.24 -13.94 11.48
N GLY A 25 2.73 -15.14 11.78
CA GLY A 25 2.17 -16.36 11.25
C GLY A 25 2.97 -16.83 10.05
N ALA A 26 4.26 -17.07 10.30
CA ALA A 26 5.17 -17.60 9.28
C ALA A 26 4.90 -19.08 8.98
N ASP A 27 3.84 -19.34 8.23
CA ASP A 27 3.47 -20.69 7.85
C ASP A 27 2.82 -20.68 6.47
N ASP A 28 2.83 -21.83 5.81
CA ASP A 28 2.27 -22.00 4.48
C ASP A 28 3.08 -21.29 3.39
N GLU A 29 3.25 -21.98 2.25
CA GLU A 29 4.07 -21.46 1.16
C GLU A 29 3.60 -20.09 0.65
N VAL A 30 2.29 -19.88 0.65
CA VAL A 30 1.74 -18.59 0.25
C VAL A 30 2.39 -17.43 1.01
N VAL A 31 3.01 -17.75 2.15
CA VAL A 31 3.66 -16.75 2.98
C VAL A 31 5.17 -16.86 2.82
N LEU A 32 5.64 -18.10 2.85
CA LEU A 32 7.07 -18.38 2.81
C LEU A 32 7.69 -18.07 1.45
N GLU A 33 6.98 -18.37 0.37
CA GLU A 33 7.56 -18.14 -0.95
C GLU A 33 8.15 -16.74 -1.06
N THR A 34 7.42 -15.74 -0.62
CA THR A 34 7.87 -14.36 -0.73
C THR A 34 9.14 -14.15 0.06
N ILE A 35 9.20 -14.77 1.22
CA ILE A 35 10.36 -14.64 2.09
C ILE A 35 11.61 -15.23 1.41
N ARG A 36 11.46 -16.40 0.78
CA ARG A 36 12.57 -16.98 0.03
C ARG A 36 13.09 -15.99 -1.01
N LEU A 37 12.17 -15.40 -1.76
CA LEU A 37 12.51 -14.47 -2.84
C LEU A 37 13.33 -13.30 -2.32
N ALA A 38 12.84 -12.73 -1.22
CA ALA A 38 13.54 -11.64 -0.55
C ALA A 38 14.95 -12.04 -0.16
N LEU A 39 15.08 -13.23 0.42
CA LEU A 39 16.40 -13.68 0.86
C LEU A 39 17.32 -13.79 -0.32
N LYS A 40 16.81 -14.38 -1.41
CA LYS A 40 17.63 -14.57 -2.61
C LYS A 40 18.33 -13.27 -2.99
N GLN A 41 17.60 -12.16 -2.94
CA GLN A 41 18.21 -10.90 -3.32
C GLN A 41 18.67 -10.07 -2.12
N LYS A 42 18.61 -10.65 -0.93
CA LYS A 42 19.06 -9.98 0.30
C LYS A 42 18.25 -8.73 0.62
N LEU A 43 16.96 -8.78 0.36
CA LEU A 43 16.11 -7.62 0.59
C LEU A 43 16.10 -7.19 2.05
N GLY A 44 16.36 -8.13 2.96
CA GLY A 44 16.47 -7.83 4.38
C GLY A 44 16.46 -9.09 5.22
N LYS A 45 16.24 -8.94 6.53
CA LYS A 45 16.26 -10.06 7.45
C LYS A 45 14.85 -10.37 7.97
N PHE A 46 14.67 -11.51 8.66
CA PHE A 46 13.33 -11.96 9.03
C PHE A 46 13.19 -12.51 10.45
N LEU A 47 12.15 -12.07 11.14
CA LEU A 47 11.77 -12.61 12.43
C LEU A 47 10.45 -13.34 12.23
N LEU A 48 10.46 -14.66 12.36
CA LEU A 48 9.30 -15.45 11.96
C LEU A 48 8.55 -16.04 13.14
N PHE A 49 7.29 -15.64 13.27
CA PHE A 49 6.44 -16.18 14.32
C PHE A 49 5.50 -17.20 13.70
N GLY A 50 5.74 -18.48 13.98
CA GLY A 50 4.99 -19.52 13.32
C GLY A 50 4.82 -20.79 14.10
N LYS A 51 3.93 -21.64 13.61
CA LYS A 51 3.64 -22.93 14.25
C LYS A 51 4.71 -23.96 13.93
N LYS A 52 5.02 -24.12 12.64
CA LYS A 52 5.90 -25.18 12.20
C LYS A 52 7.11 -24.65 11.45
N GLU A 53 8.27 -24.69 12.10
CA GLU A 53 9.50 -24.15 11.53
C GLU A 53 9.86 -24.78 10.19
N ASP A 54 10.33 -23.97 9.26
CA ASP A 54 10.94 -24.49 8.03
C ASP A 54 12.44 -24.39 8.22
N LYS A 55 13.05 -25.51 8.61
CA LYS A 55 14.45 -25.52 8.99
C LYS A 55 15.39 -25.42 7.78
N THR A 56 14.81 -25.46 6.58
CA THR A 56 15.60 -25.25 5.36
C THR A 56 15.67 -23.75 5.13
N LEU A 57 14.66 -23.04 5.63
CA LEU A 57 14.58 -21.60 5.53
C LEU A 57 15.33 -20.95 6.68
N THR A 58 15.14 -21.50 7.88
CA THR A 58 15.65 -20.87 9.09
C THR A 58 17.16 -21.09 9.28
N ALA A 59 17.74 -21.96 8.46
CA ALA A 59 19.18 -22.11 8.43
C ALA A 59 19.82 -20.81 7.92
N ASN A 60 19.09 -20.06 7.11
CA ASN A 60 19.63 -18.79 6.63
C ASN A 60 20.04 -17.89 7.80
N GLU A 61 21.25 -17.35 7.71
CA GLU A 61 21.81 -16.51 8.77
C GLU A 61 20.96 -15.28 9.00
N SER A 62 20.11 -14.96 8.03
CA SER A 62 19.26 -13.77 8.13
C SER A 62 17.87 -14.10 8.63
N VAL A 63 17.70 -15.32 9.12
CA VAL A 63 16.38 -15.77 9.56
C VAL A 63 16.41 -16.29 11.00
N THR A 64 15.47 -15.83 11.81
CA THR A 64 15.32 -16.37 13.17
C THR A 64 13.87 -16.75 13.43
N TRP A 65 13.68 -17.94 13.99
CA TRP A 65 12.35 -18.51 14.16
C TRP A 65 11.86 -18.36 15.59
N ILE A 66 10.65 -17.85 15.75
CA ILE A 66 10.04 -17.70 17.06
C ILE A 66 8.79 -18.55 17.13
N GLN A 67 8.89 -19.71 17.76
CA GLN A 67 7.76 -20.63 17.85
C GLN A 67 6.52 -19.97 18.46
N THR A 68 5.42 -19.99 17.71
CA THR A 68 4.14 -19.54 18.21
C THR A 68 3.08 -20.49 17.72
N ASP A 69 2.34 -21.10 18.66
CA ASP A 69 1.33 -22.09 18.30
C ASP A 69 -0.05 -21.46 18.18
N THR A 70 -0.10 -20.14 18.26
CA THR A 70 -1.36 -19.43 18.19
C THR A 70 -1.30 -18.27 17.22
N ALA A 71 -2.34 -18.12 16.42
CA ALA A 71 -2.47 -16.98 15.54
C ALA A 71 -2.48 -15.72 16.39
N GLU A 72 -3.12 -15.82 17.56
CA GLU A 72 -3.19 -14.72 18.49
C GLU A 72 -1.79 -14.31 18.90
N ALA A 73 -1.04 -15.26 19.44
CA ALA A 73 0.31 -14.97 19.90
C ALA A 73 1.26 -14.74 18.72
N ALA A 74 0.87 -15.14 17.52
CA ALA A 74 1.70 -14.88 16.34
C ALA A 74 1.64 -13.40 16.01
N ALA A 75 0.43 -12.87 15.94
CA ALA A 75 0.25 -11.44 15.73
C ALA A 75 0.85 -10.67 16.92
N GLN A 76 0.60 -11.17 18.12
CA GLN A 76 1.02 -10.52 19.36
C GLN A 76 2.53 -10.34 19.41
N GLY A 77 3.28 -11.36 19.01
CA GLY A 77 4.73 -11.30 19.05
C GLY A 77 5.28 -10.41 17.96
N ALA A 78 4.75 -10.56 16.76
CA ALA A 78 5.25 -9.78 15.65
C ALA A 78 5.07 -8.30 15.99
N ILE A 79 3.91 -7.98 16.57
CA ILE A 79 3.58 -6.61 16.97
C ILE A 79 4.57 -6.08 18.03
N LEU A 80 4.86 -6.90 19.03
CA LEU A 80 5.76 -6.51 20.10
C LEU A 80 7.20 -6.34 19.59
N ALA A 81 7.61 -7.21 18.67
CA ALA A 81 8.94 -7.08 18.06
C ALA A 81 9.09 -5.71 17.43
N VAL A 82 8.04 -5.24 16.75
CA VAL A 82 8.10 -3.94 16.09
C VAL A 82 8.07 -2.85 17.14
N LYS A 83 7.19 -3.01 18.12
CA LYS A 83 7.10 -2.05 19.20
C LYS A 83 8.45 -1.84 19.87
N ASN A 84 9.24 -2.91 19.97
CA ASN A 84 10.52 -2.84 20.70
C ASN A 84 11.70 -2.53 19.79
N LYS A 85 11.40 -2.22 18.53
CA LYS A 85 12.43 -1.81 17.57
C LYS A 85 13.33 -2.98 17.16
N GLU A 86 12.81 -4.18 17.28
CA GLU A 86 13.55 -5.37 16.86
C GLU A 86 13.26 -5.69 15.38
N ALA A 87 12.11 -5.23 14.91
CA ALA A 87 11.75 -5.40 13.51
C ALA A 87 11.32 -4.06 12.94
N ASP A 88 11.54 -3.87 11.64
CA ASP A 88 11.25 -2.61 10.99
C ASP A 88 9.93 -2.63 10.25
N ILE A 89 9.53 -3.81 9.79
CA ILE A 89 8.36 -3.94 8.97
C ILE A 89 7.49 -5.07 9.49
N LEU A 90 6.19 -4.81 9.62
CA LEU A 90 5.23 -5.83 10.04
C LEU A 90 4.63 -6.52 8.84
N VAL A 91 4.71 -7.85 8.83
CA VAL A 91 4.12 -8.63 7.73
C VAL A 91 3.07 -9.59 8.25
N LYS A 92 1.86 -9.49 7.75
CA LYS A 92 0.85 -10.50 8.05
C LYS A 92 1.19 -11.83 7.37
N GLY A 93 1.30 -12.89 8.17
CA GLY A 93 1.53 -14.23 7.65
C GLY A 93 0.24 -14.97 7.36
N PHE A 94 0.19 -16.25 7.74
CA PHE A 94 -0.96 -17.08 7.43
C PHE A 94 -2.02 -16.94 8.52
N ILE A 95 -2.57 -15.74 8.65
CA ILE A 95 -3.61 -15.48 9.64
C ILE A 95 -4.61 -14.48 9.08
N PRO A 96 -5.78 -14.34 9.74
CA PRO A 96 -6.71 -13.32 9.24
C PRO A 96 -6.24 -11.90 9.51
N THR A 97 -6.55 -11.03 8.56
CA THR A 97 -6.27 -9.60 8.70
C THR A 97 -6.88 -9.03 9.97
N ALA A 98 -8.10 -9.47 10.29
CA ALA A 98 -8.80 -9.10 11.53
C ALA A 98 -7.98 -9.40 12.77
N THR A 99 -7.31 -10.55 12.77
CA THR A 99 -6.49 -10.92 13.90
C THR A 99 -5.24 -10.02 13.99
N LEU A 100 -4.65 -9.70 12.85
CA LEU A 100 -3.46 -8.85 12.89
C LEU A 100 -3.81 -7.43 13.34
N MSE A 101 -4.92 -6.91 12.83
CA MSE A 101 -5.27 -5.52 13.06
C MSE A 101 -5.79 -5.34 14.47
O MSE A 101 -5.68 -4.26 15.05
CB MSE A 101 -6.27 -5.04 12.02
CG MSE A 101 -5.73 -5.09 10.59
SE MSE A 101 -4.12 -4.04 10.34
CE MSE A 101 -4.78 -2.44 11.19
N HIS A 102 -6.36 -6.40 15.03
CA HIS A 102 -6.90 -6.33 16.37
C HIS A 102 -5.78 -5.95 17.32
N HIS A 103 -4.58 -6.46 17.04
CA HIS A 103 -3.43 -6.18 17.86
C HIS A 103 -2.75 -4.88 17.42
N VAL A 104 -2.66 -4.67 16.12
CA VAL A 104 -2.12 -3.44 15.58
C VAL A 104 -2.84 -2.18 16.11
N LEU A 105 -4.16 -2.28 16.27
CA LEU A 105 -4.96 -1.13 16.70
C LEU A 105 -5.00 -0.96 18.22
N LYS A 106 -4.66 -2.02 18.93
CA LYS A 106 -4.55 -1.96 20.39
C LYS A 106 -3.56 -0.85 20.72
N LYS A 107 -4.07 0.26 21.26
CA LYS A 107 -3.25 1.44 21.52
C LYS A 107 -2.03 1.15 22.38
N GLU A 108 -2.22 0.36 23.44
CA GLU A 108 -1.12 0.01 24.34
C GLU A 108 0.04 -0.63 23.59
N ASN A 109 -0.26 -1.22 22.42
CA ASN A 109 0.79 -1.84 21.62
C ASN A 109 1.62 -0.82 20.84
N GLY A 110 1.23 0.44 20.91
CA GLY A 110 2.05 1.54 20.44
C GLY A 110 2.34 1.63 18.95
N LEU A 111 1.63 0.87 18.14
CA LEU A 111 1.81 0.98 16.69
C LEU A 111 0.89 2.04 16.13
N ARG A 112 -0.22 2.26 16.82
CA ARG A 112 -1.23 3.20 16.35
C ARG A 112 -0.77 4.62 16.66
N THR A 113 -1.22 5.56 15.85
CA THR A 113 -0.92 6.96 16.06
C THR A 113 -2.22 7.75 15.97
N ASP A 114 -2.11 8.97 15.48
CA ASP A 114 -3.29 9.80 15.27
C ASP A 114 -3.94 9.47 13.92
N GLN A 115 -3.16 8.89 13.01
CA GLN A 115 -3.62 8.73 11.63
C GLN A 115 -4.57 7.55 11.43
N LEU A 116 -5.51 7.71 10.52
CA LEU A 116 -6.25 6.57 10.03
C LEU A 116 -5.25 5.64 9.34
N LEU A 117 -5.43 4.34 9.48
CA LEU A 117 -4.66 3.39 8.70
C LEU A 117 -5.34 3.23 7.35
N SER A 118 -4.53 3.04 6.30
CA SER A 118 -5.09 2.79 4.97
C SER A 118 -4.17 1.92 4.12
N GLN A 119 -4.77 1.20 3.18
CA GLN A 119 -3.97 0.44 2.23
C GLN A 119 -3.60 1.37 1.08
N ILE A 120 -2.41 1.18 0.52
CA ILE A 120 -2.04 1.93 -0.67
C ILE A 120 -1.19 1.06 -1.57
N ALA A 121 -1.29 1.24 -2.89
CA ALA A 121 -0.50 0.42 -3.80
C ALA A 121 0.15 1.22 -4.89
N ILE A 122 1.35 0.79 -5.28
CA ILE A 122 2.08 1.50 -6.30
C ILE A 122 2.24 0.57 -7.47
N PHE A 123 1.86 1.07 -8.65
CA PHE A 123 1.77 0.27 -9.86
C PHE A 123 2.73 0.79 -10.89
N ASP A 124 3.39 -0.14 -11.58
CA ASP A 124 4.11 0.13 -12.81
C ASP A 124 3.24 -0.49 -13.90
N ILE A 125 2.66 0.35 -14.73
CA ILE A 125 1.68 -0.08 -15.71
C ILE A 125 2.30 0.25 -17.03
N PRO A 126 2.50 -0.77 -17.88
CA PRO A 126 3.27 -0.55 -19.12
C PRO A 126 2.67 0.54 -20.00
N THR A 127 1.34 0.69 -19.99
CA THR A 127 0.70 1.70 -20.81
C THR A 127 0.57 3.06 -20.13
N TYR A 128 1.09 3.16 -18.92
CA TYR A 128 1.32 4.46 -18.29
C TYR A 128 2.83 4.74 -18.30
N HIS A 129 3.20 5.98 -18.07
CA HIS A 129 4.58 6.41 -18.31
C HIS A 129 5.34 6.63 -17.01
N LYS A 130 4.61 6.59 -15.90
CA LYS A 130 5.22 6.77 -14.59
C LYS A 130 4.45 5.94 -13.57
N PRO A 131 5.04 5.74 -12.38
CA PRO A 131 4.39 4.96 -11.33
C PRO A 131 3.03 5.56 -10.95
N LEU A 132 2.08 4.72 -10.56
CA LEU A 132 0.77 5.21 -10.14
C LEU A 132 0.41 4.67 -8.76
N LEU A 133 0.14 5.57 -7.84
CA LEU A 133 -0.31 5.16 -6.53
C LEU A 133 -1.82 5.16 -6.54
N ILE A 134 -2.42 4.08 -6.03
CA ILE A 134 -3.86 4.04 -5.86
C ILE A 134 -4.23 3.65 -4.43
N THR A 135 -5.18 4.39 -3.83
CA THR A 135 -5.61 4.15 -2.44
C THR A 135 -7.04 4.67 -2.26
N ASP A 136 -7.86 4.03 -1.43
CA ASP A 136 -7.55 2.82 -0.67
C ASP A 136 -8.29 1.65 -1.33
N CYS A 137 -7.58 0.56 -1.62
CA CYS A 137 -8.10 -0.55 -2.43
C CYS A 137 -8.48 -1.79 -1.62
N ALA A 138 -8.22 -1.78 -0.31
CA ALA A 138 -8.34 -3.03 0.46
C ALA A 138 -8.71 -2.89 1.94
N MSE A 139 -8.73 -1.66 2.47
CA MSE A 139 -8.97 -1.49 3.90
C MSE A 139 -10.19 -0.63 4.21
O MSE A 139 -11.24 -1.13 4.60
CB MSE A 139 -7.71 -0.95 4.59
CG MSE A 139 -7.85 -0.63 6.07
SE MSE A 139 -6.11 -0.63 6.97
CE MSE A 139 -5.75 -2.55 6.93
N ASN A 140 -10.06 0.67 4.03
CA ASN A 140 -11.19 1.56 4.22
C ASN A 140 -12.32 1.25 3.24
N VAL A 141 -13.48 0.84 3.76
CA VAL A 141 -14.57 0.32 2.93
C VAL A 141 -15.40 1.43 2.30
N ALA A 142 -15.97 2.28 3.15
CA ALA A 142 -16.75 3.41 2.69
C ALA A 142 -16.32 4.68 3.41
N PRO A 143 -15.10 5.15 3.11
CA PRO A 143 -14.59 6.38 3.74
C PRO A 143 -15.38 7.59 3.28
N LYS A 144 -15.71 8.47 4.22
CA LYS A 144 -16.37 9.72 3.85
C LYS A 144 -15.30 10.79 3.73
N THR A 145 -15.70 12.05 3.81
CA THR A 145 -14.75 13.14 3.61
C THR A 145 -13.57 13.09 4.59
N LYS A 146 -13.86 13.08 5.88
CA LYS A 146 -12.81 13.05 6.89
C LYS A 146 -11.79 11.94 6.58
N GLU A 147 -12.28 10.72 6.41
CA GLU A 147 -11.43 9.58 6.13
C GLU A 147 -10.66 9.75 4.81
N LYS A 148 -11.31 10.30 3.80
CA LYS A 148 -10.65 10.49 2.51
C LYS A 148 -9.49 11.47 2.63
N ILE A 149 -9.67 12.48 3.48
CA ILE A 149 -8.59 13.41 3.81
C ILE A 149 -7.41 12.64 4.37
N ALA A 150 -7.66 11.89 5.43
CA ALA A 150 -6.61 11.13 6.07
C ALA A 150 -5.96 10.20 5.05
N ILE A 151 -6.78 9.52 4.26
CA ILE A 151 -6.27 8.61 3.23
C ILE A 151 -5.37 9.36 2.27
N THR A 152 -5.81 10.54 1.83
CA THR A 152 -5.00 11.35 0.95
C THR A 152 -3.71 11.78 1.66
N GLU A 153 -3.82 12.16 2.94
CA GLU A 153 -2.65 12.54 3.73
C GLU A 153 -1.62 11.40 3.78
N ASN A 154 -2.10 10.18 4.05
CA ASN A 154 -1.24 9.00 4.03
C ASN A 154 -0.61 8.80 2.67
N ALA A 155 -1.38 9.06 1.62
CA ALA A 155 -0.85 8.94 0.27
C ALA A 155 0.28 9.94 0.08
N LEU A 156 0.06 11.17 0.56
CA LEU A 156 1.07 12.22 0.46
C LEU A 156 2.34 11.82 1.17
N ALA A 157 2.20 11.36 2.41
CA ALA A 157 3.37 10.94 3.16
C ALA A 157 4.12 9.87 2.37
N VAL A 158 3.37 8.99 1.70
CA VAL A 158 3.98 7.86 1.05
C VAL A 158 4.75 8.35 -0.18
N ALA A 159 4.11 9.26 -0.93
CA ALA A 159 4.73 9.89 -2.11
C ALA A 159 6.04 10.55 -1.72
N HIS A 160 5.98 11.35 -0.66
CA HIS A 160 7.18 12.00 -0.19
C HIS A 160 8.23 10.98 0.24
N GLN A 161 7.82 9.98 1.01
CA GLN A 161 8.79 9.03 1.54
C GLN A 161 9.52 8.27 0.42
N ILE A 162 8.84 8.04 -0.70
CA ILE A 162 9.42 7.24 -1.77
C ILE A 162 9.90 8.05 -2.97
N GLY A 163 9.95 9.37 -2.83
CA GLY A 163 10.59 10.20 -3.83
C GLY A 163 9.73 10.54 -5.04
N ILE A 164 8.42 10.53 -4.86
CA ILE A 164 7.54 11.05 -5.89
C ILE A 164 7.39 12.56 -5.68
N THR A 165 8.19 13.32 -6.42
CA THR A 165 8.09 14.77 -6.54
C THR A 165 6.98 15.47 -5.77
N ASN A 166 6.15 16.20 -6.51
CA ASN A 166 4.99 16.88 -6.00
C ASN A 166 3.80 16.20 -6.66
N PRO A 167 3.16 15.27 -5.94
CA PRO A 167 2.26 14.36 -6.61
C PRO A 167 0.97 15.05 -7.05
N LYS A 168 0.47 14.64 -8.20
CA LYS A 168 -0.87 15.06 -8.60
C LYS A 168 -1.86 14.05 -8.07
N ILE A 169 -2.80 14.53 -7.28
CA ILE A 169 -3.81 13.67 -6.69
C ILE A 169 -5.17 13.87 -7.36
N ALA A 170 -5.84 12.76 -7.64
CA ALA A 170 -7.14 12.83 -8.26
C ALA A 170 -8.14 12.05 -7.42
N LEU A 171 -9.16 12.76 -6.93
CA LEU A 171 -10.26 12.12 -6.26
C LEU A 171 -11.14 11.49 -7.34
N LEU A 172 -11.25 10.18 -7.32
CA LEU A 172 -11.90 9.45 -8.39
C LEU A 172 -13.40 9.39 -8.19
N SER A 173 -14.15 9.53 -9.27
CA SER A 173 -15.57 9.22 -9.28
C SER A 173 -15.96 8.76 -10.68
N ALA A 174 -17.26 8.66 -10.96
CA ALA A 174 -17.74 8.24 -12.28
C ALA A 174 -17.91 9.43 -13.23
N VAL A 175 -18.03 10.62 -12.67
CA VAL A 175 -18.21 11.85 -13.45
C VAL A 175 -17.43 12.99 -12.82
N GLU A 176 -17.31 14.11 -13.53
CA GLU A 176 -16.67 15.28 -12.95
C GLU A 176 -17.67 16.36 -12.52
N GLU A 177 -18.95 16.12 -12.77
CA GLU A 177 -20.01 17.00 -12.27
C GLU A 177 -20.34 16.65 -10.84
N VAL A 178 -20.24 17.62 -9.93
CA VAL A 178 -20.59 17.34 -8.55
C VAL A 178 -22.11 17.36 -8.40
N THR A 179 -22.69 16.26 -7.95
CA THR A 179 -24.15 16.17 -7.87
C THR A 179 -24.64 15.38 -6.65
N ALA A 180 -25.76 15.80 -6.10
CA ALA A 180 -26.33 15.16 -4.91
C ALA A 180 -26.70 13.71 -5.17
N LYS A 181 -26.94 13.40 -6.45
CA LYS A 181 -27.26 12.04 -6.88
C LYS A 181 -26.09 11.10 -6.65
N MSE A 182 -24.89 11.67 -6.51
CA MSE A 182 -23.67 10.87 -6.39
C MSE A 182 -22.70 11.43 -5.35
O MSE A 182 -21.81 12.18 -5.68
CB MSE A 182 -22.97 10.74 -7.75
CG MSE A 182 -21.79 9.77 -7.74
SE MSE A 182 -20.95 9.59 -9.50
CE MSE A 182 -22.55 9.82 -10.61
N PRO A 183 -22.90 11.05 -4.08
CA PRO A 183 -22.20 11.55 -2.90
C PRO A 183 -20.68 11.50 -3.02
N SER A 184 -20.18 10.51 -3.73
CA SER A 184 -18.76 10.41 -3.98
C SER A 184 -18.24 11.72 -4.60
N THR A 185 -19.08 12.34 -5.42
CA THR A 185 -18.69 13.58 -6.07
C THR A 185 -18.59 14.70 -5.04
N LEU A 186 -19.56 14.74 -4.13
CA LEU A 186 -19.61 15.80 -3.15
C LEU A 186 -18.44 15.63 -2.19
N GLU A 187 -18.22 14.40 -1.74
CA GLU A 187 -17.14 14.12 -0.82
C GLU A 187 -15.81 14.42 -1.50
N ALA A 188 -15.74 14.15 -2.80
CA ALA A 188 -14.52 14.42 -3.54
C ALA A 188 -14.27 15.91 -3.42
N GLN A 189 -15.29 16.68 -3.75
CA GLN A 189 -15.20 18.13 -3.70
C GLN A 189 -14.70 18.64 -2.36
N GLU A 190 -15.26 18.11 -1.28
CA GLU A 190 -14.92 18.61 0.05
C GLU A 190 -13.51 18.21 0.46
N VAL A 191 -13.02 17.08 -0.06
CA VAL A 191 -11.62 16.70 0.16
C VAL A 191 -10.70 17.72 -0.50
N VAL A 192 -11.00 18.05 -1.75
CA VAL A 192 -10.26 19.05 -2.51
C VAL A 192 -10.23 20.39 -1.78
N GLN A 193 -11.37 20.81 -1.23
CA GLN A 193 -11.46 22.08 -0.51
C GLN A 193 -10.69 22.06 0.82
N HIS A 194 -10.54 20.89 1.43
CA HIS A 194 -9.74 20.80 2.65
C HIS A 194 -8.32 21.28 2.38
N PHE A 195 -7.77 20.86 1.24
CA PHE A 195 -6.37 21.14 0.93
C PHE A 195 -6.17 22.46 0.23
N GLY A 196 -7.18 22.91 -0.50
CA GLY A 196 -7.08 24.13 -1.27
C GLY A 196 -5.96 24.04 -2.29
N ASN A 197 -5.07 25.02 -2.27
CA ASN A 197 -3.95 25.06 -3.21
C ASN A 197 -2.63 24.64 -2.59
N GLN A 198 -2.70 23.98 -1.43
CA GLN A 198 -1.50 23.52 -0.76
C GLN A 198 -0.80 22.41 -1.58
N ILE A 199 -1.59 21.62 -2.29
CA ILE A 199 -1.03 20.57 -3.15
C ILE A 199 -1.83 20.51 -4.44
N SER A 200 -1.33 19.78 -5.44
CA SER A 200 -2.09 19.55 -6.66
C SER A 200 -3.13 18.46 -6.44
N VAL A 201 -4.28 18.86 -5.92
CA VAL A 201 -5.37 17.93 -5.73
C VAL A 201 -6.53 18.40 -6.56
N SER A 202 -7.24 17.47 -7.18
CA SER A 202 -8.41 17.84 -7.96
C SER A 202 -9.40 16.68 -8.02
N GLY A 203 -10.65 16.98 -8.40
CA GLY A 203 -11.70 15.99 -8.45
C GLY A 203 -13.01 16.62 -8.00
N PRO A 204 -14.14 15.91 -8.14
CA PRO A 204 -14.24 14.54 -8.68
C PRO A 204 -13.75 14.46 -10.12
N LEU A 205 -13.06 13.38 -10.45
CA LEU A 205 -12.60 13.12 -11.81
C LEU A 205 -12.91 11.68 -12.10
N ALA A 206 -13.48 11.41 -13.27
CA ALA A 206 -13.51 10.04 -13.76
C ALA A 206 -12.08 9.64 -14.14
N LEU A 207 -11.83 8.35 -14.25
CA LEU A 207 -10.47 7.87 -14.41
C LEU A 207 -9.82 8.38 -15.69
N ASP A 208 -10.60 8.44 -16.75
CA ASP A 208 -10.05 8.89 -18.04
C ASP A 208 -9.41 10.25 -17.83
N VAL A 209 -10.13 11.16 -17.20
CA VAL A 209 -9.63 12.52 -16.99
C VAL A 209 -8.34 12.52 -16.16
N ALA A 210 -8.26 11.59 -15.22
CA ALA A 210 -7.14 11.58 -14.28
C ALA A 210 -5.82 11.17 -14.93
N ILE A 211 -5.86 10.21 -15.84
CA ILE A 211 -4.63 9.61 -16.36
C ILE A 211 -4.48 9.71 -17.88
N SER A 212 -5.34 10.49 -18.55
CA SER A 212 -5.24 10.65 -19.98
C SER A 212 -5.38 12.11 -20.43
N LYS A 213 -4.31 12.68 -20.95
CA LYS A 213 -4.35 14.05 -21.46
C LYS A 213 -5.43 14.16 -22.52
N GLU A 214 -5.47 13.18 -23.42
CA GLU A 214 -6.44 13.18 -24.51
C GLU A 214 -7.89 13.30 -24.00
N ALA A 215 -8.21 12.51 -22.99
CA ALA A 215 -9.56 12.44 -22.45
C ALA A 215 -9.95 13.77 -21.80
N ALA A 216 -9.05 14.30 -20.99
CA ALA A 216 -9.27 15.58 -20.35
C ALA A 216 -9.65 16.61 -21.40
N LEU A 217 -8.79 16.76 -22.41
CA LEU A 217 -9.02 17.73 -23.48
C LEU A 217 -10.38 17.52 -24.13
N HIS A 218 -10.70 16.26 -24.40
CA HIS A 218 -11.98 15.96 -25.01
C HIS A 218 -13.13 16.40 -24.12
N LYS A 219 -12.86 16.45 -22.80
CA LYS A 219 -13.88 16.89 -21.84
C LYS A 219 -13.77 18.38 -21.48
N GLY A 220 -12.98 19.13 -22.24
CA GLY A 220 -12.82 20.55 -22.01
C GLY A 220 -12.02 20.90 -20.76
N ILE A 221 -11.09 20.03 -20.38
CA ILE A 221 -10.25 20.26 -19.20
C ILE A 221 -8.80 20.57 -19.61
N THR A 222 -8.41 21.83 -19.43
CA THR A 222 -7.32 22.41 -20.21
C THR A 222 -5.95 22.59 -19.52
N ASP A 223 -5.84 22.20 -18.26
CA ASP A 223 -4.58 22.39 -17.53
C ASP A 223 -3.50 21.38 -17.94
N SER A 224 -2.51 21.18 -17.07
CA SER A 224 -1.44 20.22 -17.33
C SER A 224 -1.18 19.31 -16.12
N SER A 225 -2.19 19.19 -15.26
CA SER A 225 -2.14 18.24 -14.16
C SER A 225 -3.10 17.10 -14.47
N ALA A 226 -3.99 17.37 -15.42
CA ALA A 226 -4.92 16.37 -15.90
C ALA A 226 -4.19 15.46 -16.87
N GLY A 227 -4.45 14.17 -16.76
CA GLY A 227 -3.76 13.19 -17.58
C GLY A 227 -2.42 12.80 -17.00
N GLU A 228 -2.13 13.28 -15.79
CA GLU A 228 -0.80 13.10 -15.21
C GLU A 228 -0.87 12.79 -13.71
N ALA A 229 -2.01 12.28 -13.27
CA ALA A 229 -2.18 11.98 -11.87
C ALA A 229 -1.06 11.02 -11.44
N ASP A 230 -0.47 11.27 -10.28
CA ASP A 230 0.47 10.35 -9.63
C ASP A 230 -0.26 9.49 -8.58
N ILE A 231 -1.36 10.01 -8.06
CA ILE A 231 -2.11 9.35 -6.99
C ILE A 231 -3.61 9.44 -7.27
N LEU A 232 -4.28 8.28 -7.21
CA LEU A 232 -5.73 8.23 -7.29
C LEU A 232 -6.28 7.88 -5.90
N ILE A 233 -7.33 8.58 -5.47
CA ILE A 233 -7.99 8.32 -4.21
C ILE A 233 -9.32 7.68 -4.57
N ALA A 234 -9.45 6.41 -4.25
CA ALA A 234 -10.70 5.72 -4.57
C ALA A 234 -11.87 6.30 -3.78
N PRO A 235 -13.03 6.31 -4.42
CA PRO A 235 -14.26 6.82 -3.79
C PRO A 235 -14.83 5.84 -2.76
N ASN A 236 -14.48 4.57 -2.91
CA ASN A 236 -14.95 3.51 -2.04
C ASN A 236 -14.07 2.28 -2.32
N ILE A 237 -14.06 1.31 -1.40
CA ILE A 237 -13.19 0.14 -1.54
C ILE A 237 -13.43 -0.66 -2.82
N GLU A 238 -14.68 -0.79 -3.25
CA GLU A 238 -14.96 -1.62 -4.41
C GLU A 238 -14.30 -1.06 -5.68
N THR A 239 -14.25 0.25 -5.78
CA THR A 239 -13.64 0.92 -6.93
C THR A 239 -12.14 0.76 -6.87
N GLY A 240 -11.56 1.00 -5.70
CA GLY A 240 -10.12 0.87 -5.56
C GLY A 240 -9.66 -0.55 -5.90
N ASN A 241 -10.40 -1.51 -5.36
CA ASN A 241 -10.05 -2.93 -5.56
C ASN A 241 -10.21 -3.38 -7.02
N ALA A 242 -11.34 -3.04 -7.63
CA ALA A 242 -11.57 -3.37 -9.04
C ALA A 242 -10.43 -2.81 -9.88
N LEU A 243 -10.11 -1.55 -9.62
CA LEU A 243 -9.05 -0.88 -10.36
C LEU A 243 -7.73 -1.61 -10.19
N TYR A 244 -7.40 -1.91 -8.94
CA TYR A 244 -6.20 -2.66 -8.62
C TYR A 244 -6.16 -3.93 -9.44
N LYS A 245 -7.25 -4.68 -9.42
CA LYS A 245 -7.23 -5.96 -10.09
C LYS A 245 -7.17 -5.83 -11.62
N SER A 246 -7.87 -4.85 -12.19
CA SER A 246 -7.88 -4.74 -13.64
C SER A 246 -6.48 -4.42 -14.12
N LEU A 247 -5.76 -3.64 -13.33
CA LEU A 247 -4.39 -3.29 -13.68
C LEU A 247 -3.51 -4.52 -13.66
N VAL A 248 -3.68 -5.35 -12.63
CA VAL A 248 -2.86 -6.56 -12.51
C VAL A 248 -3.23 -7.58 -13.57
N TYR A 249 -4.52 -7.82 -13.74
CA TYR A 249 -4.94 -8.93 -14.58
C TYR A 249 -5.11 -8.59 -16.06
N PHE A 250 -5.37 -7.33 -16.36
CA PHE A 250 -5.66 -6.94 -17.73
C PHE A 250 -4.60 -5.99 -18.29
N ALA A 251 -3.97 -5.23 -17.41
CA ALA A 251 -3.04 -4.21 -17.87
C ALA A 251 -1.60 -4.70 -17.75
N GLY A 252 -1.40 -5.92 -17.25
CA GLY A 252 -0.07 -6.48 -17.09
C GLY A 252 0.75 -5.71 -16.04
N ALA A 253 0.08 -5.02 -15.13
CA ALA A 253 0.78 -4.20 -14.13
C ALA A 253 1.59 -4.99 -13.09
N LYS A 254 2.71 -4.41 -12.68
CA LYS A 254 3.46 -4.85 -11.51
C LYS A 254 3.08 -3.92 -10.35
N VAL A 255 2.81 -4.47 -9.17
CA VAL A 255 2.26 -3.64 -8.10
C VAL A 255 2.81 -4.05 -6.75
N GLY A 256 3.17 -3.05 -5.95
CA GLY A 256 3.56 -3.28 -4.57
C GLY A 256 2.54 -2.60 -3.66
N SER A 257 2.17 -3.26 -2.55
CA SER A 257 1.08 -2.74 -1.73
C SER A 257 1.43 -2.76 -0.24
N ALA A 258 0.89 -1.81 0.50
CA ALA A 258 1.19 -1.75 1.92
C ALA A 258 0.07 -1.06 2.66
N VAL A 259 -0.03 -1.33 3.95
CA VAL A 259 -0.88 -0.56 4.84
C VAL A 259 -0.04 0.46 5.57
N VAL A 260 -0.43 1.72 5.48
CA VAL A 260 0.36 2.82 6.01
C VAL A 260 -0.44 3.60 7.01
N GLY A 261 0.26 4.39 7.82
CA GLY A 261 -0.36 5.22 8.81
C GLY A 261 -0.01 4.77 10.21
N ALA A 262 0.64 3.61 10.34
CA ALA A 262 1.11 3.15 11.65
C ALA A 262 2.60 3.48 11.84
N LYS A 263 3.16 3.18 13.00
CA LYS A 263 4.56 3.55 13.23
C LYS A 263 5.51 2.84 12.24
N VAL A 264 5.16 1.61 11.86
CA VAL A 264 5.91 0.90 10.82
C VAL A 264 5.04 0.54 9.64
N PRO A 265 5.67 0.29 8.48
CA PRO A 265 4.89 -0.12 7.31
C PRO A 265 4.39 -1.54 7.52
N ILE A 266 3.19 -1.84 7.04
CA ILE A 266 2.63 -3.17 7.19
C ILE A 266 2.34 -3.80 5.84
N VAL A 267 2.74 -5.06 5.67
CA VAL A 267 2.40 -5.80 4.48
C VAL A 267 1.19 -6.67 4.74
N ILE A 268 0.15 -6.49 3.95
CA ILE A 268 -1.00 -7.37 4.04
C ILE A 268 -1.33 -7.81 2.63
N SER A 269 -0.77 -8.94 2.25
CA SER A 269 -0.93 -9.47 0.90
C SER A 269 -2.10 -10.42 0.85
N SER A 270 -2.66 -10.61 -0.34
CA SER A 270 -3.80 -11.50 -0.44
C SER A 270 -3.38 -12.83 -1.08
N ARG A 271 -4.22 -13.83 -0.93
CA ARG A 271 -3.92 -15.18 -1.37
C ARG A 271 -3.65 -15.27 -2.89
N ASN A 272 -4.23 -14.35 -3.65
CA ASN A 272 -4.16 -14.38 -5.10
C ASN A 272 -2.90 -13.73 -5.70
N ASP A 273 -2.25 -12.85 -4.92
CA ASP A 273 -1.09 -12.11 -5.43
C ASP A 273 0.04 -13.03 -5.91
N SER A 274 0.65 -12.65 -7.02
CA SER A 274 1.78 -13.38 -7.54
C SER A 274 2.98 -13.20 -6.60
N PRO A 275 3.88 -14.17 -6.58
CA PRO A 275 5.05 -14.01 -5.71
C PRO A 275 5.78 -12.71 -6.05
N GLU A 276 5.78 -12.36 -7.33
CA GLU A 276 6.44 -11.15 -7.80
C GLU A 276 5.81 -9.90 -7.20
N ASN A 277 4.48 -9.83 -7.21
CA ASN A 277 3.81 -8.67 -6.62
C ASN A 277 3.94 -8.64 -5.10
N LYS A 278 3.98 -9.80 -4.48
CA LYS A 278 4.17 -9.86 -3.04
C LYS A 278 5.59 -9.43 -2.65
N LEU A 279 6.56 -9.77 -3.48
CA LEU A 279 7.93 -9.31 -3.26
C LEU A 279 7.89 -7.80 -3.40
N ALA A 280 7.18 -7.35 -4.43
CA ALA A 280 7.09 -5.94 -4.74
C ALA A 280 6.58 -5.17 -3.53
N SER A 281 5.62 -5.77 -2.83
CA SER A 281 5.12 -5.23 -1.56
C SER A 281 6.21 -5.14 -0.49
N PHE A 282 7.03 -6.19 -0.37
CA PHE A 282 8.20 -6.11 0.52
C PHE A 282 9.09 -4.93 0.15
N ILE A 283 9.37 -4.78 -1.13
CA ILE A 283 10.26 -3.73 -1.60
C ILE A 283 9.68 -2.37 -1.27
N LEU A 284 8.39 -2.20 -1.54
CA LEU A 284 7.72 -0.97 -1.21
C LEU A 284 7.89 -0.64 0.29
N THR A 285 7.68 -1.61 1.15
CA THR A 285 7.75 -1.34 2.59
C THR A 285 9.18 -1.07 3.01
N VAL A 286 10.13 -1.73 2.36
CA VAL A 286 11.52 -1.38 2.60
C VAL A 286 11.73 0.09 2.23
N ARG A 287 11.21 0.49 1.07
CA ARG A 287 11.38 1.87 0.60
CA ARG A 287 11.39 1.86 0.61
C ARG A 287 10.67 2.83 1.54
N LEU A 288 9.73 2.32 2.33
CA LEU A 288 8.93 3.17 3.22
C LEU A 288 9.55 3.36 4.62
N VAL A 289 10.51 2.52 4.95
CA VAL A 289 11.12 2.58 6.27
C VAL A 289 12.01 3.82 6.33
N GLU A 290 11.63 4.79 7.16
CA GLU A 290 12.50 5.95 7.39
C GLU A 290 13.04 5.95 8.82
N LYS A 291 14.37 5.96 8.95
CA LYS A 291 15.02 5.89 10.25
C LYS A 291 15.52 7.26 10.72
NI NI B . 11.45 15.84 1.62
NI NI C . -11.38 20.55 6.35
C1 PEG D . -6.66 -17.58 17.24
O1 PEG D . -6.56 -16.22 17.56
C2 PEG D . -5.33 -18.31 17.51
O2 PEG D . -5.37 -19.59 16.90
C3 PEG D . -4.21 -20.37 16.74
C4 PEG D . -4.48 -21.44 15.67
O4 PEG D . -5.10 -20.86 14.56
C1 PEG E . -8.27 -7.42 -1.94
O1 PEG E . -8.12 -7.55 -0.55
C2 PEG E . -6.92 -7.57 -2.67
O2 PEG E . -6.08 -6.47 -2.41
C3 PEG E . -4.71 -6.52 -2.79
C4 PEG E . -3.85 -7.03 -1.62
O4 PEG E . -2.56 -7.35 -2.11
C1 PEG F . -4.84 18.91 7.73
O1 PEG F . -5.63 17.80 7.36
C2 PEG F . -4.21 19.54 6.47
O2 PEG F . -3.29 18.65 5.89
C3 PEG F . -2.45 19.14 4.85
C4 PEG F . -1.00 18.64 5.04
O4 PEG F . -0.80 17.42 4.38
C1 PEG G . 5.46 -6.30 -15.07
O1 PEG G . 4.45 -7.20 -14.65
C2 PEG G . 4.88 -4.91 -15.42
O2 PEG G . 5.91 -3.96 -15.60
C3 PEG G . 5.65 -2.58 -15.55
C4 PEG G . 6.06 -1.89 -16.87
O4 PEG G . 5.77 -0.52 -16.82
C1 PEG H . -6.53 -16.87 7.26
O1 PEG H . -5.75 -17.88 7.84
C2 PEG H . -6.22 -16.76 5.76
O2 PEG H . -5.01 -16.07 5.57
C3 PEG H . -4.32 -16.17 4.34
C4 PEG H . -3.48 -14.90 4.12
O4 PEG H . -2.15 -15.26 3.86
#